data_2D2E
#
_entry.id   2D2E
#
_cell.length_a   33.361
_cell.length_b   71.247
_cell.length_c   51.178
_cell.angle_alpha   90.00
_cell.angle_beta   106.89
_cell.angle_gamma   90.00
#
_symmetry.space_group_name_H-M   'P 1 21 1'
#
loop_
_entity.id
_entity.type
_entity.pdbx_description
1 polymer 'SufC protein'
2 non-polymer 'CHLORIDE ION'
3 non-polymer GLYCEROL
4 water water
#
_entity_poly.entity_id   1
_entity_poly.type   'polypeptide(L)'
_entity_poly.pdbx_seq_one_letter_code
;MSQLEIRDLWASIDGETILKGVNLVVPKGEVHALMGPNGAGKSTLGKILAGDPEYTVERGEILLDGENILELSPDERARK
GLFLAFQYPVEVPGVTIANFLRLALQAKLGREVGVAEFWTKVKKALELLDWDESYLSRYLNEGFSGGEKKRNEILQLLVL
EPTYAVLDETDSGLDIDALKVVARGVNAMRGPNFGALVITHYQRILNYIQPDKVHVMMDGRVVATGGPELALELEAKGYE
WLKEKVKEGA
;
_entity_poly.pdbx_strand_id   A
#
# COMPACT_ATOMS: atom_id res chain seq x y z
N SER A 2 -8.65 -13.76 7.92
CA SER A 2 -7.25 -14.01 8.31
C SER A 2 -6.26 -13.73 7.18
N GLN A 3 -6.75 -13.29 6.03
CA GLN A 3 -5.84 -13.00 4.92
C GLN A 3 -6.52 -12.17 3.85
N LEU A 4 -5.66 -11.52 3.03
CA LEU A 4 -6.09 -10.75 1.89
C LEU A 4 -5.77 -11.67 0.70
N GLU A 5 -6.75 -12.04 -0.10
CA GLU A 5 -6.47 -12.98 -1.18
C GLU A 5 -6.99 -12.51 -2.52
N ILE A 6 -6.16 -12.56 -3.54
CA ILE A 6 -6.50 -12.30 -4.90
C ILE A 6 -6.62 -13.69 -5.47
N ARG A 7 -7.80 -14.05 -6.01
CA ARG A 7 -8.04 -15.40 -6.51
C ARG A 7 -8.48 -15.45 -7.98
N ASP A 8 -7.66 -16.12 -8.79
CA ASP A 8 -7.93 -16.31 -10.23
C ASP A 8 -8.44 -15.03 -10.89
N LEU A 9 -7.69 -13.95 -10.69
CA LEU A 9 -8.11 -12.66 -11.22
C LEU A 9 -7.71 -12.38 -12.67
N TRP A 10 -8.70 -12.08 -13.49
CA TRP A 10 -8.48 -11.73 -14.89
C TRP A 10 -9.05 -10.36 -15.08
N ALA A 11 -8.30 -9.45 -15.71
CA ALA A 11 -8.78 -8.10 -15.90
C ALA A 11 -8.22 -7.49 -17.17
N SER A 12 -8.94 -6.51 -17.70
CA SER A 12 -8.52 -5.84 -18.92
C SER A 12 -8.75 -4.34 -18.83
N ILE A 13 -8.12 -3.57 -19.72
CA ILE A 13 -8.30 -2.12 -19.78
C ILE A 13 -8.26 -1.76 -21.27
N ASP A 14 -8.77 -0.58 -21.64
CA ASP A 14 -8.90 -0.15 -23.04
C ASP A 14 -9.00 -1.36 -23.96
N GLY A 15 -9.87 -2.29 -23.61
CA GLY A 15 -10.06 -3.50 -24.40
C GLY A 15 -8.87 -4.41 -24.63
N GLU A 16 -8.08 -4.69 -23.58
CA GLU A 16 -6.91 -5.58 -23.69
C GLU A 16 -6.70 -6.27 -22.34
N THR A 17 -6.40 -7.57 -22.34
CA THR A 17 -6.22 -8.32 -21.11
C THR A 17 -4.84 -8.08 -20.50
N ILE A 18 -4.81 -7.53 -19.29
CA ILE A 18 -3.54 -7.26 -18.63
C ILE A 18 -3.26 -8.24 -17.48
N LEU A 19 -4.29 -8.60 -16.70
CA LEU A 19 -4.07 -9.57 -15.62
C LEU A 19 -4.59 -10.92 -16.11
N LYS A 20 -3.73 -11.93 -16.03
CA LYS A 20 -4.05 -13.23 -16.56
C LYS A 20 -4.04 -14.36 -15.55
N GLY A 21 -4.93 -14.24 -14.55
CA GLY A 21 -5.04 -15.28 -13.53
C GLY A 21 -4.10 -15.08 -12.35
N VAL A 22 -4.28 -13.96 -11.67
CA VAL A 22 -3.46 -13.60 -10.52
C VAL A 22 -3.92 -14.35 -9.28
N ASN A 23 -3.00 -15.04 -8.63
CA ASN A 23 -3.28 -15.74 -7.38
C ASN A 23 -2.22 -15.24 -6.41
N LEU A 24 -2.64 -14.54 -5.36
CA LEU A 24 -1.71 -13.95 -4.40
C LEU A 24 -2.39 -13.86 -3.06
N VAL A 25 -1.81 -14.49 -2.04
CA VAL A 25 -2.38 -14.46 -0.68
C VAL A 25 -1.43 -13.80 0.32
N VAL A 26 -1.93 -12.82 1.08
CA VAL A 26 -1.11 -12.19 2.13
C VAL A 26 -1.78 -12.44 3.47
N PRO A 27 -1.19 -13.32 4.30
CA PRO A 27 -1.81 -13.58 5.62
C PRO A 27 -1.74 -12.35 6.51
N LYS A 28 -2.77 -12.10 7.30
CA LYS A 28 -2.75 -11.00 8.24
C LYS A 28 -1.59 -11.33 9.20
N GLY A 29 -0.74 -10.35 9.46
CA GLY A 29 0.42 -10.54 10.30
C GLY A 29 1.70 -10.56 9.47
N GLU A 30 1.55 -10.68 8.16
CA GLU A 30 2.72 -10.71 7.28
C GLU A 30 2.82 -9.52 6.36
N VAL A 31 4.05 -9.28 5.89
CA VAL A 31 4.35 -8.21 4.95
C VAL A 31 5.00 -8.89 3.75
N HIS A 32 4.33 -8.77 2.60
CA HIS A 32 4.83 -9.38 1.37
C HIS A 32 5.23 -8.33 0.36
N ALA A 33 6.04 -8.76 -0.61
CA ALA A 33 6.48 -7.92 -1.71
C ALA A 33 5.93 -8.48 -3.04
N LEU A 34 5.57 -7.59 -3.97
CA LEU A 34 5.13 -7.98 -5.31
C LEU A 34 6.06 -7.22 -6.25
N MET A 35 6.90 -7.98 -6.94
CA MET A 35 7.89 -7.42 -7.86
C MET A 35 7.56 -7.83 -9.29
N GLY A 36 8.27 -7.23 -10.23
CA GLY A 36 8.05 -7.61 -11.61
C GLY A 36 8.52 -6.53 -12.56
N PRO A 37 8.61 -6.85 -13.85
CA PRO A 37 9.03 -5.87 -14.85
C PRO A 37 7.89 -4.84 -14.88
N ASN A 38 8.16 -3.59 -15.24
CA ASN A 38 7.07 -2.62 -15.29
C ASN A 38 6.12 -2.94 -16.45
N GLY A 39 4.83 -2.79 -16.22
CA GLY A 39 3.86 -3.10 -17.26
C GLY A 39 3.44 -4.57 -17.30
N ALA A 40 4.05 -5.41 -16.46
CA ALA A 40 3.70 -6.83 -16.44
C ALA A 40 2.51 -7.12 -15.51
N GLY A 41 1.94 -6.07 -14.94
CA GLY A 41 0.75 -6.24 -14.12
C GLY A 41 0.76 -5.86 -12.65
N LYS A 42 1.92 -5.75 -12.05
N LYS A 42 1.92 -5.75 -12.05
CA LYS A 42 2.00 -5.44 -10.62
CA LYS A 42 2.00 -5.44 -10.62
C LYS A 42 1.28 -4.16 -10.22
C LYS A 42 1.28 -4.16 -10.22
N SER A 43 1.49 -3.08 -10.96
CA SER A 43 0.87 -1.82 -10.62
C SER A 43 -0.60 -1.79 -11.01
N THR A 44 -0.96 -2.53 -12.07
CA THR A 44 -2.35 -2.62 -12.47
C THR A 44 -3.11 -3.34 -11.35
N LEU A 45 -2.48 -4.37 -10.76
CA LEU A 45 -3.13 -5.08 -9.65
C LEU A 45 -3.40 -4.11 -8.50
N GLY A 46 -2.45 -3.25 -8.20
CA GLY A 46 -2.65 -2.28 -7.14
C GLY A 46 -3.82 -1.36 -7.42
N LYS A 47 -4.00 -0.94 -8.66
CA LYS A 47 -5.09 -0.02 -8.97
C LYS A 47 -6.44 -0.71 -8.86
N ILE A 48 -6.48 -1.97 -9.27
CA ILE A 48 -7.70 -2.76 -9.19
C ILE A 48 -8.04 -3.00 -7.73
N LEU A 49 -7.02 -3.22 -6.89
CA LEU A 49 -7.29 -3.42 -5.46
C LEU A 49 -7.90 -2.15 -4.87
N ALA A 50 -7.46 -1.00 -5.38
CA ALA A 50 -7.96 0.28 -4.91
C ALA A 50 -9.39 0.50 -5.37
N GLY A 51 -9.76 -0.13 -6.48
CA GLY A 51 -11.10 0.04 -7.02
C GLY A 51 -11.16 0.95 -8.23
N ASP A 52 -10.05 1.13 -8.93
CA ASP A 52 -9.98 1.98 -10.12
C ASP A 52 -11.02 1.52 -11.13
N PRO A 53 -12.06 2.35 -11.38
CA PRO A 53 -13.14 2.04 -12.31
C PRO A 53 -12.76 1.87 -13.79
N GLU A 54 -11.57 2.31 -14.17
CA GLU A 54 -11.16 2.17 -15.57
C GLU A 54 -10.90 0.73 -16.01
N TYR A 55 -10.77 -0.17 -15.04
CA TYR A 55 -10.52 -1.58 -15.35
C TYR A 55 -11.76 -2.44 -15.34
N THR A 56 -11.73 -3.49 -16.15
CA THR A 56 -12.85 -4.43 -16.24
C THR A 56 -12.37 -5.78 -15.70
N VAL A 57 -13.03 -6.29 -14.67
CA VAL A 57 -12.64 -7.60 -14.14
C VAL A 57 -13.46 -8.66 -14.88
N GLU A 58 -12.76 -9.59 -15.51
CA GLU A 58 -13.37 -10.65 -16.29
C GLU A 58 -13.69 -11.91 -15.49
N ARG A 59 -12.84 -12.20 -14.53
CA ARG A 59 -13.02 -13.39 -13.72
C ARG A 59 -12.22 -13.18 -12.43
N GLY A 60 -12.56 -13.95 -11.39
CA GLY A 60 -11.84 -13.85 -10.13
C GLY A 60 -12.51 -13.12 -8.98
N GLU A 61 -11.83 -13.11 -7.85
CA GLU A 61 -12.32 -12.46 -6.64
C GLU A 61 -11.16 -11.86 -5.86
N ILE A 62 -11.49 -10.93 -4.98
CA ILE A 62 -10.51 -10.34 -4.07
C ILE A 62 -11.23 -10.45 -2.71
N LEU A 63 -10.70 -11.31 -1.85
CA LEU A 63 -11.32 -11.55 -0.53
C LEU A 63 -10.55 -10.89 0.58
N LEU A 64 -11.24 -10.12 1.41
CA LEU A 64 -10.58 -9.48 2.55
C LEU A 64 -11.25 -10.14 3.75
N ASP A 65 -10.48 -10.99 4.43
CA ASP A 65 -10.99 -11.74 5.59
C ASP A 65 -12.29 -12.47 5.27
N GLY A 66 -12.29 -13.17 4.13
CA GLY A 66 -13.45 -13.94 3.73
C GLY A 66 -14.49 -13.29 2.84
N GLU A 67 -14.51 -11.95 2.77
CA GLU A 67 -15.51 -11.26 1.94
C GLU A 67 -14.98 -10.73 0.62
N ASN A 68 -15.73 -10.97 -0.45
CA ASN A 68 -15.36 -10.50 -1.79
C ASN A 68 -15.59 -8.98 -1.83
N ILE A 69 -14.55 -8.22 -2.14
CA ILE A 69 -14.69 -6.76 -2.17
C ILE A 69 -14.69 -6.17 -3.57
N LEU A 70 -14.62 -7.01 -4.60
CA LEU A 70 -14.58 -6.51 -5.97
C LEU A 70 -15.76 -5.63 -6.35
N GLU A 71 -16.91 -5.90 -5.75
CA GLU A 71 -18.13 -5.15 -6.04
C GLU A 71 -18.28 -3.93 -5.15
N LEU A 72 -17.39 -3.77 -4.18
CA LEU A 72 -17.46 -2.63 -3.26
C LEU A 72 -16.76 -1.40 -3.79
N SER A 73 -17.29 -0.23 -3.44
CA SER A 73 -16.69 1.02 -3.88
C SER A 73 -15.41 1.19 -3.07
N PRO A 74 -14.53 2.12 -3.48
CA PRO A 74 -13.28 2.34 -2.75
C PRO A 74 -13.54 2.67 -1.28
N ASP A 75 -14.57 3.48 -1.03
CA ASP A 75 -14.95 3.89 0.32
C ASP A 75 -15.42 2.68 1.12
N GLU A 76 -16.19 1.79 0.48
CA GLU A 76 -16.67 0.61 1.18
C GLU A 76 -15.51 -0.34 1.50
N ARG A 77 -14.50 -0.40 0.64
CA ARG A 77 -13.36 -1.28 0.93
C ARG A 77 -12.59 -0.76 2.12
N ALA A 78 -12.45 0.55 2.21
CA ALA A 78 -11.74 1.17 3.33
C ALA A 78 -12.50 0.87 4.61
N ARG A 79 -13.84 0.85 4.52
CA ARG A 79 -14.67 0.56 5.68
C ARG A 79 -14.45 -0.88 6.15
N LYS A 80 -14.03 -1.75 5.23
CA LYS A 80 -13.76 -3.14 5.55
C LYS A 80 -12.32 -3.35 6.01
N GLY A 81 -11.51 -2.28 6.01
CA GLY A 81 -10.14 -2.38 6.48
C GLY A 81 -9.02 -2.21 5.47
N LEU A 82 -9.34 -1.96 4.20
CA LEU A 82 -8.29 -1.78 3.19
C LEU A 82 -7.86 -0.32 3.16
N PHE A 83 -6.56 -0.07 3.34
CA PHE A 83 -6.05 1.28 3.36
C PHE A 83 -6.35 2.09 2.10
N LEU A 84 -6.93 3.26 2.30
CA LEU A 84 -7.24 4.17 1.20
C LEU A 84 -6.85 5.55 1.68
N ALA A 85 -5.77 6.06 1.14
CA ALA A 85 -5.30 7.40 1.54
C ALA A 85 -6.23 8.46 0.96
N PHE A 86 -6.45 9.51 1.75
CA PHE A 86 -7.32 10.62 1.36
C PHE A 86 -6.49 11.55 0.47
N GLN A 87 -7.04 11.94 -0.67
CA GLN A 87 -6.34 12.84 -1.58
C GLN A 87 -6.91 14.24 -1.48
N TYR A 88 -6.05 15.24 -1.60
CA TYR A 88 -6.45 16.64 -1.54
C TYR A 88 -5.79 17.35 -2.73
N PRO A 89 -6.43 18.42 -3.24
CA PRO A 89 -5.90 19.17 -4.38
C PRO A 89 -4.77 20.16 -4.10
N VAL A 90 -4.28 20.76 -5.18
CA VAL A 90 -3.20 21.77 -5.20
C VAL A 90 -2.70 22.22 -3.84
N VAL A 92 -4.63 23.85 -2.92
CA VAL A 92 -5.34 24.62 -1.91
C VAL A 92 -4.40 25.03 -0.76
N PRO A 93 -4.37 26.33 -0.46
CA PRO A 93 -3.53 26.90 0.61
C PRO A 93 -4.19 26.81 1.98
N GLY A 94 -3.39 27.07 3.01
CA GLY A 94 -3.86 27.09 4.38
C GLY A 94 -4.46 25.84 5.02
N VAL A 95 -4.00 24.66 4.62
CA VAL A 95 -4.53 23.43 5.21
C VAL A 95 -3.40 22.72 5.95
N THR A 96 -3.43 22.73 7.27
CA THR A 96 -2.39 22.05 8.03
C THR A 96 -2.52 20.54 7.91
N ILE A 97 -1.40 19.85 8.06
CA ILE A 97 -1.44 18.39 8.03
C ILE A 97 -2.36 17.89 9.14
N ALA A 98 -2.34 18.55 10.30
CA ALA A 98 -3.21 18.12 11.40
C ALA A 98 -4.70 18.17 10.99
N ASN A 99 -5.14 19.28 10.40
CA ASN A 99 -6.54 19.40 9.97
C ASN A 99 -6.88 18.34 8.92
N PHE A 100 -5.95 18.12 8.00
CA PHE A 100 -6.16 17.14 6.94
C PHE A 100 -6.29 15.74 7.52
N LEU A 101 -5.46 15.42 8.50
N LEU A 101 -5.46 15.42 8.49
CA LEU A 101 -5.51 14.10 9.10
CA LEU A 101 -5.50 14.10 9.10
C LEU A 101 -6.82 13.89 9.84
C LEU A 101 -6.82 13.89 9.84
N ARG A 102 -7.33 14.94 10.46
CA ARG A 102 -8.58 14.83 11.21
C ARG A 102 -9.71 14.57 10.21
N LEU A 103 -9.67 15.28 9.09
CA LEU A 103 -10.65 15.10 8.04
C LEU A 103 -10.60 13.66 7.52
N ALA A 104 -9.37 13.15 7.31
CA ALA A 104 -9.20 11.78 6.82
C ALA A 104 -9.71 10.76 7.82
N LEU A 105 -9.42 10.96 9.09
CA LEU A 105 -9.87 10.01 10.10
C LEU A 105 -11.40 10.04 10.25
N GLN A 106 -11.99 11.23 10.20
CA GLN A 106 -13.46 11.37 10.34
C GLN A 106 -14.18 10.72 9.15
N ALA A 107 -13.58 10.82 7.98
CA ALA A 107 -14.16 10.22 6.77
C ALA A 107 -14.12 8.69 6.90
N LYS A 108 -13.00 8.16 7.38
CA LYS A 108 -12.83 6.73 7.54
C LYS A 108 -13.73 6.15 8.64
N LEU A 109 -13.92 6.91 9.72
CA LEU A 109 -14.74 6.46 10.84
C LEU A 109 -16.24 6.74 10.73
N GLY A 110 -16.62 7.67 9.85
CA GLY A 110 -18.03 8.02 9.66
C GLY A 110 -18.63 8.84 10.79
N ARG A 111 -17.79 9.56 11.53
CA ARG A 111 -18.27 10.37 12.65
C ARG A 111 -17.27 11.46 13.00
N GLU A 112 -17.70 12.40 13.83
CA GLU A 112 -16.78 13.45 14.23
C GLU A 112 -15.77 12.78 15.14
N VAL A 113 -14.57 13.35 15.21
CA VAL A 113 -13.55 12.85 16.12
C VAL A 113 -13.15 14.09 16.91
N GLY A 114 -13.31 14.01 18.23
CA GLY A 114 -12.97 15.15 19.07
C GLY A 114 -11.48 15.37 19.21
N VAL A 115 -11.08 16.54 19.73
CA VAL A 115 -9.65 16.84 19.87
C VAL A 115 -8.90 15.80 20.72
N ALA A 116 -9.53 15.27 21.75
CA ALA A 116 -8.84 14.30 22.60
C ALA A 116 -8.50 13.01 21.87
N GLU A 117 -9.47 12.44 21.19
CA GLU A 117 -9.24 11.20 20.45
C GLU A 117 -8.23 11.46 19.34
N PHE A 118 -8.43 12.57 18.64
CA PHE A 118 -7.54 12.89 17.53
C PHE A 118 -6.10 13.01 17.99
N TRP A 119 -5.86 13.86 18.99
CA TRP A 119 -4.48 14.05 19.42
C TRP A 119 -3.86 12.85 20.11
N THR A 120 -4.67 12.04 20.76
CA THR A 120 -4.13 10.86 21.43
C THR A 120 -3.62 9.91 20.36
N LYS A 121 -4.40 9.74 19.30
CA LYS A 121 -4.00 8.85 18.20
C LYS A 121 -2.81 9.40 17.42
N VAL A 122 -2.82 10.71 17.18
CA VAL A 122 -1.72 11.35 16.47
C VAL A 122 -0.45 11.22 17.29
N LYS A 123 -0.53 11.48 18.59
CA LYS A 123 0.66 11.38 19.43
C LYS A 123 1.25 9.98 19.40
N LYS A 124 0.40 8.96 19.44
CA LYS A 124 0.92 7.57 19.41
C LYS A 124 1.62 7.31 18.07
N ALA A 125 1.02 7.78 16.98
CA ALA A 125 1.62 7.59 15.66
C ALA A 125 2.97 8.28 15.58
N LEU A 126 3.05 9.51 16.08
CA LEU A 126 4.32 10.23 16.06
C LEU A 126 5.40 9.50 16.86
N GLU A 127 5.00 8.91 17.99
CA GLU A 127 5.96 8.16 18.81
C GLU A 127 6.52 6.96 18.04
N LEU A 128 5.62 6.23 17.38
CA LEU A 128 6.04 5.06 16.63
C LEU A 128 6.96 5.43 15.46
N LEU A 129 6.70 6.57 14.85
CA LEU A 129 7.50 7.05 13.71
C LEU A 129 8.70 7.86 14.16
N ASP A 130 8.74 8.18 15.45
CA ASP A 130 9.80 9.02 16.01
C ASP A 130 9.86 10.34 15.24
N TRP A 131 8.68 10.97 15.05
CA TRP A 131 8.57 12.25 14.34
C TRP A 131 8.14 13.32 15.34
N ASP A 132 8.50 14.58 15.07
CA ASP A 132 8.15 15.69 15.97
C ASP A 132 6.76 16.22 15.69
N GLU A 133 6.03 16.56 16.75
CA GLU A 133 4.67 17.09 16.61
C GLU A 133 4.60 18.35 15.75
N SER A 134 5.70 19.08 15.63
CA SER A 134 5.75 20.29 14.81
C SER A 134 5.42 20.01 13.34
N TYR A 135 5.65 18.77 12.91
CA TYR A 135 5.36 18.37 11.53
C TYR A 135 3.88 18.61 11.15
N LEU A 136 3.00 18.40 12.12
N LEU A 136 3.00 18.40 12.12
CA LEU A 136 1.56 18.57 11.90
CA LEU A 136 1.56 18.57 11.90
C LEU A 136 1.14 20.00 11.58
C LEU A 136 1.14 20.00 11.58
N SER A 137 2.04 20.96 11.83
CA SER A 137 1.76 22.36 11.54
C SER A 137 2.15 22.76 10.13
N ARG A 138 2.79 21.86 9.40
CA ARG A 138 3.17 22.13 8.02
C ARG A 138 1.87 22.16 7.21
N TYR A 139 1.86 22.89 6.11
CA TYR A 139 0.67 22.96 5.26
C TYR A 139 0.78 21.93 4.15
N LEU A 140 -0.36 21.41 3.70
CA LEU A 140 -0.34 20.48 2.58
C LEU A 140 0.19 21.25 1.38
N ASN A 141 0.84 20.54 0.47
CA ASN A 141 1.40 21.15 -0.74
C ASN A 141 2.45 22.23 -0.49
N GLU A 142 2.93 22.35 0.74
CA GLU A 142 3.94 23.36 0.97
C GLU A 142 5.20 22.96 0.21
N GLY A 147 8.42 12.01 -1.67
CA GLY A 147 9.00 12.48 -0.42
C GLY A 147 7.96 13.06 0.53
N GLU A 148 7.51 14.27 0.26
CA GLU A 148 6.53 14.91 1.10
C GLU A 148 5.14 14.30 1.03
N LYS A 149 4.71 13.92 -0.16
CA LYS A 149 3.38 13.31 -0.30
C LYS A 149 3.42 11.94 0.40
N LYS A 150 4.58 11.28 0.32
CA LYS A 150 4.73 9.98 0.97
C LYS A 150 4.64 10.10 2.49
N ARG A 151 5.27 11.12 3.06
CA ARG A 151 5.23 11.32 4.51
C ARG A 151 3.79 11.48 5.00
N ASN A 152 3.01 12.26 4.26
CA ASN A 152 1.61 12.48 4.61
C ASN A 152 0.81 11.20 4.54
N GLU A 153 1.08 10.37 3.54
N GLU A 153 1.08 10.37 3.54
CA GLU A 153 0.37 9.09 3.41
CA GLU A 153 0.38 9.10 3.40
C GLU A 153 0.73 8.14 4.54
C GLU A 153 0.73 8.14 4.54
N ILE A 154 1.99 8.17 4.98
CA ILE A 154 2.44 7.28 6.06
C ILE A 154 1.81 7.70 7.40
N LEU A 155 1.60 9.00 7.60
N LEU A 155 1.60 8.99 7.59
CA LEU A 155 0.97 9.43 8.84
CA LEU A 155 0.96 9.40 8.82
C LEU A 155 -0.48 8.93 8.78
C LEU A 155 -0.48 8.91 8.78
N GLN A 156 -1.10 8.95 7.61
CA GLN A 156 -2.47 8.46 7.49
C GLN A 156 -2.49 6.96 7.77
N LEU A 157 -1.47 6.24 7.28
CA LEU A 157 -1.40 4.80 7.50
C LEU A 157 -1.48 4.45 8.99
N LEU A 158 -0.69 5.15 9.79
N LEU A 158 -0.69 5.15 9.79
CA LEU A 158 -0.67 4.88 11.23
CA LEU A 158 -0.67 4.89 11.23
C LEU A 158 -1.93 5.35 11.96
C LEU A 158 -1.93 5.35 11.95
N VAL A 159 -2.45 6.50 11.56
CA VAL A 159 -3.65 7.05 12.22
C VAL A 159 -4.97 6.37 11.87
N LEU A 160 -5.13 5.99 10.60
N LEU A 160 -5.12 5.99 10.60
CA LEU A 160 -6.35 5.34 10.14
CA LEU A 160 -6.35 5.34 10.14
C LEU A 160 -6.45 3.88 10.55
C LEU A 160 -6.45 3.88 10.55
N GLU A 161 -5.34 3.30 10.96
CA GLU A 161 -5.32 1.89 11.39
C GLU A 161 -5.99 0.87 10.48
N PRO A 162 -5.58 0.81 9.21
CA PRO A 162 -6.19 -0.17 8.30
C PRO A 162 -5.73 -1.59 8.68
N THR A 163 -6.48 -2.59 8.22
CA THR A 163 -6.10 -3.98 8.48
C THR A 163 -5.13 -4.45 7.42
N TYR A 164 -5.34 -4.00 6.18
CA TYR A 164 -4.43 -4.36 5.10
C TYR A 164 -4.05 -3.10 4.34
N ALA A 165 -2.82 -3.05 3.85
CA ALA A 165 -2.37 -1.90 3.05
C ALA A 165 -1.58 -2.40 1.86
N VAL A 166 -1.88 -1.83 0.70
CA VAL A 166 -1.20 -2.18 -0.55
C VAL A 166 -0.47 -0.90 -0.89
N LEU A 167 0.86 -0.94 -0.87
CA LEU A 167 1.68 0.25 -1.11
C LEU A 167 2.54 0.10 -2.34
N ASP A 168 2.22 0.86 -3.38
CA ASP A 168 3.01 0.75 -4.60
C ASP A 168 4.09 1.83 -4.58
N GLU A 169 5.35 1.41 -4.44
CA GLU A 169 6.47 2.33 -4.34
C GLU A 169 7.30 2.38 -5.60
N THR A 170 6.72 1.89 -6.70
CA THR A 170 7.43 1.93 -7.98
C THR A 170 7.72 3.39 -8.32
N ASP A 171 6.80 4.29 -8.01
CA ASP A 171 7.03 5.69 -8.36
C ASP A 171 8.13 6.38 -7.56
N SER A 172 8.66 5.71 -6.53
CA SER A 172 9.78 6.28 -5.76
C SER A 172 11.14 5.90 -6.36
N GLY A 173 11.16 4.87 -7.19
CA GLY A 173 12.42 4.44 -7.78
C GLY A 173 13.47 4.14 -6.72
N LEU A 174 14.66 4.72 -6.92
CA LEU A 174 15.74 4.56 -5.95
C LEU A 174 15.93 5.77 -5.05
N ASP A 175 14.85 6.52 -4.82
CA ASP A 175 14.90 7.71 -3.94
C ASP A 175 14.92 7.13 -2.52
N ILE A 176 16.12 6.96 -1.97
CA ILE A 176 16.27 6.34 -0.65
C ILE A 176 15.45 6.99 0.47
N ASP A 177 15.41 8.33 0.50
N ASP A 177 15.42 8.33 0.50
CA ASP A 177 14.64 8.98 1.54
CA ASP A 177 14.65 8.99 1.54
C ASP A 177 13.18 8.56 1.50
C ASP A 177 13.19 8.57 1.50
N ALA A 178 12.60 8.54 0.30
CA ALA A 178 11.20 8.15 0.14
C ALA A 178 10.96 6.69 0.50
N LEU A 179 11.88 5.81 0.12
CA LEU A 179 11.71 4.40 0.44
C LEU A 179 11.80 4.20 1.95
N LYS A 180 12.69 4.95 2.60
CA LYS A 180 12.84 4.79 4.04
C LYS A 180 11.63 5.29 4.82
N VAL A 181 10.98 6.35 4.33
CA VAL A 181 9.79 6.87 4.99
C VAL A 181 8.71 5.81 4.98
N VAL A 182 8.50 5.18 3.82
CA VAL A 182 7.49 4.14 3.75
C VAL A 182 7.88 2.95 4.63
N ALA A 183 9.16 2.56 4.63
CA ALA A 183 9.57 1.44 5.48
C ALA A 183 9.33 1.73 6.94
N ARG A 184 9.59 2.96 7.37
CA ARG A 184 9.38 3.31 8.78
C ARG A 184 7.93 3.08 9.13
N GLY A 185 7.04 3.50 8.24
CA GLY A 185 5.61 3.32 8.48
C GLY A 185 5.20 1.86 8.47
N VAL A 186 5.63 1.10 7.45
CA VAL A 186 5.23 -0.30 7.39
C VAL A 186 5.80 -1.06 8.59
N ASN A 187 7.04 -0.81 8.96
CA ASN A 187 7.62 -1.53 10.10
C ASN A 187 6.90 -1.15 11.41
N ALA A 188 6.44 0.08 11.52
CA ALA A 188 5.73 0.50 12.73
C ALA A 188 4.33 -0.16 12.84
N MET A 189 3.73 -0.51 11.72
CA MET A 189 2.43 -1.17 11.69
C MET A 189 2.49 -2.68 11.84
N ARG A 190 3.68 -3.27 11.66
CA ARG A 190 3.82 -4.73 11.74
C ARG A 190 3.22 -5.27 13.02
N GLY A 191 2.41 -6.31 12.87
CA GLY A 191 1.74 -6.88 14.01
C GLY A 191 0.75 -7.93 13.54
N PRO A 192 0.14 -8.67 14.48
CA PRO A 192 -0.83 -9.71 14.15
C PRO A 192 -2.11 -9.25 13.48
N ASN A 193 -2.38 -7.96 13.57
CA ASN A 193 -3.61 -7.39 13.05
C ASN A 193 -3.42 -6.56 11.79
N PHE A 194 -2.27 -6.72 11.15
CA PHE A 194 -1.99 -5.93 9.95
C PHE A 194 -1.29 -6.79 8.89
N GLY A 195 -1.68 -6.65 7.63
CA GLY A 195 -1.00 -7.33 6.55
C GLY A 195 -0.69 -6.28 5.50
N ALA A 196 0.42 -6.45 4.78
CA ALA A 196 0.76 -5.48 3.74
C ALA A 196 1.37 -6.13 2.50
N LEU A 197 1.19 -5.46 1.36
CA LEU A 197 1.78 -5.92 0.11
C LEU A 197 2.51 -4.67 -0.42
N VAL A 198 3.82 -4.77 -0.56
CA VAL A 198 4.63 -3.67 -1.07
C VAL A 198 4.94 -4.02 -2.52
N ILE A 199 4.49 -3.16 -3.44
CA ILE A 199 4.69 -3.37 -4.87
C ILE A 199 5.89 -2.54 -5.28
N THR A 200 6.85 -3.17 -5.98
CA THR A 200 8.05 -2.43 -6.34
C THR A 200 8.72 -3.09 -7.54
N HIS A 201 9.49 -2.29 -8.29
CA HIS A 201 10.25 -2.82 -9.41
C HIS A 201 11.65 -3.16 -8.90
N TYR A 202 12.23 -2.24 -8.14
CA TYR A 202 13.57 -2.43 -7.57
C TYR A 202 13.50 -3.15 -6.23
N GLN A 203 14.52 -3.93 -5.94
CA GLN A 203 14.60 -4.64 -4.68
C GLN A 203 14.96 -3.72 -3.49
N ARG A 204 15.56 -2.56 -3.78
N ARG A 204 15.56 -2.56 -3.78
CA ARG A 204 16.04 -1.64 -2.74
CA ARG A 204 16.04 -1.63 -2.75
C ARG A 204 15.22 -1.50 -1.47
C ARG A 204 15.22 -1.50 -1.47
N ILE A 205 13.94 -1.17 -1.59
CA ILE A 205 13.12 -1.00 -0.38
C ILE A 205 13.06 -2.21 0.54
N LEU A 206 13.30 -3.39 -0.03
CA LEU A 206 13.22 -4.61 0.75
C LEU A 206 14.38 -4.82 1.69
N ASN A 207 15.36 -3.92 1.60
CA ASN A 207 16.49 -3.98 2.54
C ASN A 207 16.03 -3.22 3.79
N TYR A 208 14.99 -2.40 3.65
CA TYR A 208 14.46 -1.63 4.79
C TYR A 208 13.18 -2.28 5.35
N ILE A 209 12.43 -2.95 4.47
CA ILE A 209 11.21 -3.67 4.87
C ILE A 209 11.46 -5.12 4.51
N GLN A 210 11.86 -5.94 5.47
CA GLN A 210 12.12 -7.34 5.17
C GLN A 210 10.79 -8.08 4.93
N PRO A 211 10.59 -8.65 3.72
CA PRO A 211 9.34 -9.35 3.43
C PRO A 211 9.33 -10.82 3.88
N ASP A 212 8.17 -11.29 4.28
CA ASP A 212 7.99 -12.68 4.69
C ASP A 212 7.91 -13.54 3.43
N LYS A 213 7.46 -12.95 2.33
CA LYS A 213 7.31 -13.66 1.05
C LYS A 213 7.41 -12.65 -0.08
N VAL A 214 8.01 -13.09 -1.19
CA VAL A 214 8.15 -12.29 -2.39
C VAL A 214 7.41 -12.99 -3.54
N HIS A 215 6.54 -12.25 -4.23
CA HIS A 215 5.80 -12.76 -5.40
C HIS A 215 6.35 -12.00 -6.59
N VAL A 216 6.57 -12.68 -7.72
CA VAL A 216 7.06 -11.98 -8.91
C VAL A 216 6.06 -12.13 -10.05
N MET A 217 5.66 -11.01 -10.63
CA MET A 217 4.67 -11.01 -11.70
C MET A 217 5.23 -10.71 -13.07
N MET A 218 4.97 -11.63 -14.02
CA MET A 218 5.37 -11.44 -15.41
C MET A 218 4.20 -11.89 -16.27
N ASP A 219 4.01 -11.17 -17.35
CA ASP A 219 2.92 -11.47 -18.28
C ASP A 219 1.57 -11.63 -17.57
N GLY A 220 1.29 -10.71 -16.66
CA GLY A 220 0.01 -10.72 -15.97
C GLY A 220 -0.30 -11.77 -14.93
N ARG A 221 0.71 -12.53 -14.49
CA ARG A 221 0.47 -13.55 -13.47
C ARG A 221 1.71 -13.73 -12.60
N VAL A 222 1.52 -14.38 -11.45
CA VAL A 222 2.63 -14.63 -10.55
C VAL A 222 3.33 -15.88 -11.06
N VAL A 223 4.58 -15.73 -11.47
CA VAL A 223 5.34 -16.85 -12.02
C VAL A 223 6.35 -17.45 -11.05
N ALA A 224 6.53 -16.81 -9.91
CA ALA A 224 7.45 -17.31 -8.91
C ALA A 224 7.21 -16.67 -7.57
N THR A 225 7.52 -17.42 -6.51
CA THR A 225 7.40 -16.92 -5.15
C THR A 225 8.56 -17.48 -4.36
N GLY A 226 8.93 -16.78 -3.29
CA GLY A 226 10.03 -17.22 -2.45
C GLY A 226 10.23 -16.31 -1.26
N GLY A 227 11.35 -16.47 -0.56
CA GLY A 227 11.64 -15.59 0.56
C GLY A 227 12.40 -14.38 0.03
N PRO A 228 12.96 -13.56 0.94
CA PRO A 228 13.72 -12.36 0.58
C PRO A 228 14.87 -12.66 -0.40
N GLU A 229 15.40 -13.87 -0.32
CA GLU A 229 16.51 -14.26 -1.19
C GLU A 229 16.13 -14.16 -2.66
N LEU A 230 14.86 -14.37 -2.96
CA LEU A 230 14.40 -14.29 -4.36
C LEU A 230 14.52 -12.86 -4.85
N ALA A 231 14.16 -11.88 -4.02
CA ALA A 231 14.28 -10.49 -4.43
C ALA A 231 15.75 -10.14 -4.61
N LEU A 232 16.60 -10.68 -3.74
CA LEU A 232 18.03 -10.42 -3.83
C LEU A 232 18.62 -10.93 -5.13
N GLU A 233 18.28 -12.16 -5.48
CA GLU A 233 18.83 -12.74 -6.70
C GLU A 233 18.30 -11.98 -7.92
N LEU A 234 17.04 -11.55 -7.87
CA LEU A 234 16.47 -10.78 -8.98
C LEU A 234 17.23 -9.47 -9.14
N GLU A 235 17.59 -8.83 -8.02
CA GLU A 235 18.32 -7.58 -8.13
C GLU A 235 19.72 -7.82 -8.73
N ALA A 236 20.36 -8.90 -8.31
CA ALA A 236 21.71 -9.19 -8.83
C ALA A 236 21.71 -9.58 -10.31
N LYS A 237 20.77 -10.44 -10.70
CA LYS A 237 20.74 -10.95 -12.07
C LYS A 237 19.79 -10.31 -13.07
N GLY A 238 18.71 -9.70 -12.59
CA GLY A 238 17.77 -9.07 -13.51
C GLY A 238 16.53 -9.90 -13.81
N TYR A 239 15.49 -9.23 -14.32
CA TYR A 239 14.26 -9.96 -14.59
C TYR A 239 14.37 -10.98 -15.72
N GLU A 240 15.22 -10.71 -16.71
CA GLU A 240 15.38 -11.64 -17.84
C GLU A 240 15.87 -12.99 -17.34
N TRP A 241 16.72 -12.97 -16.33
CA TRP A 241 17.23 -14.21 -15.76
C TRP A 241 16.08 -15.05 -15.23
N LEU A 242 15.19 -14.43 -14.46
CA LEU A 242 14.06 -15.16 -13.89
C LEU A 242 13.09 -15.66 -14.95
N LYS A 243 12.85 -14.87 -15.99
CA LYS A 243 11.94 -15.27 -17.04
C LYS A 243 12.38 -16.62 -17.59
N GLU A 244 13.69 -16.81 -17.74
CA GLU A 244 14.22 -18.07 -18.26
C GLU A 244 14.15 -19.19 -17.23
N LYS A 245 14.58 -18.91 -16.00
CA LYS A 245 14.56 -19.91 -14.93
C LYS A 245 15.28 -19.38 -13.70
#